data_4S1C
#
_entry.id   4S1C
#
_cell.length_a   116.562
_cell.length_b   116.562
_cell.length_c   91.783
_cell.angle_alpha   90.000
_cell.angle_beta   90.000
_cell.angle_gamma   120.000
#
_symmetry.space_group_name_H-M   'P 61'
#
loop_
_entity.id
_entity.type
_entity.pdbx_description
1 polymer 'Lmo1466 protein'
2 non-polymer 'FE (III) ION'
3 water water
#
_entity_poly.entity_id   1
_entity_poly.type   'polypeptide(L)'
_entity_poly.pdbx_seq_one_letter_code
;ANPNHPLLKKILMKAPGTYHHSMMVANLAEACADKIGANSLLVRVGCFYHDIGKTLRPPYFVENQLQGINPHDRLTPEQS
RDIILSHTKDGAEILKENHMPQPIIDIALQHHGTTLLKYFYFKAKETNPDVKEADYRYSGPKPQTKEIAIINISDSVEAA
VRSSTEPTMAKITEIIDGIIKDRFLDGQFTECDITIQEIKIIRDTLIATLNGIYHQRIQYPD
;
_entity_poly.pdbx_strand_id   D,A
#
# COMPACT_ATOMS: atom_id res chain seq x y z
N ASN A 4 -2.03 23.35 13.00
CA ASN A 4 -3.36 22.76 12.84
C ASN A 4 -4.26 22.88 14.06
N HIS A 5 -5.55 23.02 13.80
CA HIS A 5 -6.55 22.95 14.84
C HIS A 5 -6.46 21.58 15.50
N PRO A 6 -6.58 21.53 16.84
CA PRO A 6 -6.47 20.25 17.57
C PRO A 6 -7.32 19.14 16.96
N LEU A 7 -8.50 19.49 16.45
CA LEU A 7 -9.39 18.50 15.85
C LEU A 7 -8.79 17.90 14.59
N LEU A 8 -8.24 18.75 13.74
CA LEU A 8 -7.56 18.29 12.53
C LEU A 8 -6.25 17.57 12.87
N LYS A 9 -5.60 18.00 13.94
CA LYS A 9 -4.32 17.39 14.33
C LYS A 9 -4.53 15.95 14.78
N LYS A 10 -5.64 15.72 15.47
CA LYS A 10 -6.00 14.39 15.93
C LYS A 10 -6.17 13.42 14.74
N ILE A 11 -6.59 13.92 13.57
CA ILE A 11 -6.67 13.10 12.36
C ILE A 11 -5.27 12.74 11.85
N LEU A 12 -4.39 13.74 11.80
CA LEU A 12 -3.02 13.53 11.36
C LEU A 12 -2.27 12.53 12.25
N MET A 13 -2.52 12.56 13.55
CA MET A 13 -1.80 11.69 14.47
C MET A 13 -2.35 10.26 14.48
N LYS A 14 -3.67 10.09 14.53
CA LYS A 14 -4.27 8.77 14.61
C LYS A 14 -4.36 8.06 13.25
N ALA A 15 -4.51 8.84 12.19
CA ALA A 15 -4.78 8.28 10.87
C ALA A 15 -4.12 9.11 9.79
N PRO A 16 -2.78 9.08 9.72
CA PRO A 16 -2.05 9.90 8.76
C PRO A 16 -2.45 9.64 7.30
N GLY A 17 -2.86 8.41 6.98
CA GLY A 17 -3.30 8.11 5.62
C GLY A 17 -4.58 8.88 5.30
N THR A 18 -5.53 8.82 6.22
CA THR A 18 -6.79 9.55 6.10
C THR A 18 -6.58 11.07 5.97
N TYR A 19 -5.62 11.59 6.72
CA TYR A 19 -5.24 12.99 6.64
C TYR A 19 -4.74 13.36 5.25
N HIS A 20 -3.75 12.62 4.75
CA HIS A 20 -3.12 12.92 3.46
C HIS A 20 -4.17 12.79 2.38
N HIS A 21 -5.08 11.84 2.58
CA HIS A 21 -6.21 11.63 1.67
C HIS A 21 -7.15 12.83 1.66
N SER A 22 -7.53 13.28 2.86
CA SER A 22 -8.44 14.39 2.99
C SER A 22 -7.88 15.69 2.40
N MET A 23 -6.56 15.89 2.51
CA MET A 23 -5.95 17.10 1.98
C MET A 23 -6.05 17.09 0.48
N MET A 24 -5.76 15.92 -0.08
CA MET A 24 -5.85 15.67 -1.52
C MET A 24 -7.25 15.82 -2.08
N VAL A 25 -8.23 15.35 -1.35
CA VAL A 25 -9.63 15.51 -1.75
C VAL A 25 -9.98 17.00 -1.77
N ALA A 26 -9.59 17.71 -0.71
CA ALA A 26 -9.80 19.15 -0.59
C ALA A 26 -9.27 19.86 -1.83
N ASN A 27 -8.04 19.52 -2.20
CA ASN A 27 -7.45 19.99 -3.43
C ASN A 27 -8.32 19.76 -4.67
N LEU A 28 -8.70 18.51 -4.92
CA LEU A 28 -9.52 18.16 -6.07
C LEU A 28 -10.86 18.86 -6.05
N ALA A 29 -11.52 18.80 -4.91
CA ALA A 29 -12.88 19.25 -4.80
C ALA A 29 -12.98 20.78 -4.84
N GLU A 30 -12.01 21.46 -4.24
CA GLU A 30 -12.02 22.92 -4.27
C GLU A 30 -11.81 23.43 -5.70
N ALA A 31 -10.92 22.78 -6.44
CA ALA A 31 -10.69 23.15 -7.81
C ALA A 31 -11.99 23.04 -8.63
N CYS A 32 -12.77 21.99 -8.42
CA CYS A 32 -14.05 21.81 -9.13
C CYS A 32 -15.04 22.89 -8.71
N ALA A 33 -15.14 23.16 -7.42
CA ALA A 33 -16.01 24.22 -6.90
C ALA A 33 -15.71 25.58 -7.54
N ASP A 34 -14.43 25.89 -7.72
CA ASP A 34 -14.03 27.13 -8.37
C ASP A 34 -14.61 27.19 -9.77
N LYS A 35 -14.41 26.11 -10.52
CA LYS A 35 -14.75 26.13 -11.94
C LYS A 35 -16.24 26.15 -12.20
N ILE A 36 -17.07 25.78 -11.22
CA ILE A 36 -18.53 25.87 -11.41
C ILE A 36 -19.14 26.94 -10.51
N GLY A 37 -18.27 27.70 -9.84
CA GLY A 37 -18.71 28.80 -9.01
C GLY A 37 -19.51 28.38 -7.81
N ALA A 38 -19.19 27.21 -7.25
CA ALA A 38 -19.80 26.78 -5.98
C ALA A 38 -19.03 27.35 -4.78
N ASN A 39 -19.54 27.07 -3.58
CA ASN A 39 -18.94 27.55 -2.34
C ASN A 39 -17.60 26.86 -2.08
N SER A 40 -16.53 27.41 -2.65
CA SER A 40 -15.26 26.72 -2.67
C SER A 40 -14.60 26.62 -1.29
N LEU A 41 -14.90 27.54 -0.37
CA LEU A 41 -14.26 27.51 0.94
C LEU A 41 -14.93 26.52 1.87
N LEU A 42 -16.25 26.39 1.76
CA LEU A 42 -16.94 25.36 2.51
C LEU A 42 -16.44 23.96 2.07
N VAL A 43 -16.22 23.80 0.77
CA VAL A 43 -15.73 22.55 0.21
C VAL A 43 -14.34 22.20 0.75
N ARG A 44 -13.42 23.17 0.73
CA ARG A 44 -12.07 22.97 1.24
C ARG A 44 -12.07 22.45 2.68
N VAL A 45 -12.66 23.22 3.58
CA VAL A 45 -12.63 22.87 4.99
C VAL A 45 -13.49 21.63 5.27
N GLY A 46 -14.57 21.48 4.52
CA GLY A 46 -15.42 20.31 4.61
C GLY A 46 -14.64 19.02 4.40
N CYS A 47 -13.79 19.01 3.37
CA CYS A 47 -12.99 17.85 3.04
C CYS A 47 -11.98 17.51 4.11
N PHE A 48 -11.51 18.52 4.82
CA PHE A 48 -10.55 18.33 5.90
C PHE A 48 -11.14 17.38 6.94
N TYR A 49 -12.41 17.55 7.26
CA TYR A 49 -12.98 16.79 8.37
C TYR A 49 -13.92 15.68 7.95
N HIS A 50 -14.10 15.47 6.64
CA HIS A 50 -15.17 14.57 6.17
C HIS A 50 -14.98 13.12 6.65
N ASP A 51 -13.74 12.72 6.83
CA ASP A 51 -13.43 11.34 7.16
C ASP A 51 -13.00 11.16 8.62
N ILE A 52 -13.29 12.15 9.45
CA ILE A 52 -12.79 12.17 10.83
C ILE A 52 -13.31 10.97 11.65
N GLY A 53 -14.41 10.36 11.20
CA GLY A 53 -14.94 9.22 11.91
C GLY A 53 -14.04 7.99 11.82
N LYS A 54 -13.10 8.02 10.88
CA LYS A 54 -12.14 6.92 10.77
C LYS A 54 -11.13 6.96 11.91
N THR A 55 -11.06 8.07 12.64
CA THR A 55 -10.12 8.14 13.76
C THR A 55 -10.51 7.18 14.87
N LEU A 56 -11.74 6.67 14.86
CA LEU A 56 -12.13 5.68 15.85
C LEU A 56 -11.49 4.31 15.61
N ARG A 57 -11.27 3.94 14.34
CA ARG A 57 -10.65 2.66 13.99
C ARG A 57 -9.76 2.76 12.75
N PRO A 58 -8.66 3.51 12.85
CA PRO A 58 -7.86 3.81 11.65
C PRO A 58 -7.34 2.62 10.82
N PRO A 59 -6.92 1.49 11.45
CA PRO A 59 -6.34 0.49 10.54
C PRO A 59 -7.35 -0.21 9.65
N TYR A 60 -8.64 -0.03 9.90
CA TYR A 60 -9.62 -0.69 9.06
C TYR A 60 -9.97 0.13 7.81
N PHE A 61 -9.14 1.13 7.51
CA PHE A 61 -9.30 1.88 6.27
C PHE A 61 -8.01 1.86 5.47
N VAL A 62 -8.14 1.56 4.18
CA VAL A 62 -7.00 1.11 3.40
C VAL A 62 -5.90 2.16 3.34
N GLU A 63 -6.26 3.43 3.28
CA GLU A 63 -5.26 4.49 3.15
C GLU A 63 -4.34 4.53 4.40
N ASN A 64 -4.78 3.96 5.51
CA ASN A 64 -3.95 3.84 6.70
C ASN A 64 -3.18 2.52 6.83
N GLN A 65 -3.27 1.65 5.84
CA GLN A 65 -2.74 0.28 6.01
C GLN A 65 -1.38 0.09 5.38
N LEU A 66 -0.59 -0.79 5.96
CA LEU A 66 0.64 -1.21 5.30
C LEU A 66 0.32 -2.22 4.22
N GLN A 67 1.17 -2.26 3.22
CA GLN A 67 1.06 -3.20 2.11
C GLN A 67 0.85 -4.63 2.57
N GLY A 68 -0.22 -5.25 2.09
CA GLY A 68 -0.49 -6.64 2.39
C GLY A 68 -0.91 -6.97 3.82
N ILE A 69 -1.21 -5.94 4.62
CA ILE A 69 -1.61 -6.18 6.01
C ILE A 69 -2.99 -5.58 6.26
N ASN A 70 -4.01 -6.41 6.11
CA ASN A 70 -5.40 -5.98 6.18
C ASN A 70 -6.15 -6.65 7.32
N PRO A 71 -6.56 -5.86 8.33
CA PRO A 71 -7.26 -6.39 9.51
C PRO A 71 -8.65 -6.97 9.20
N HIS A 72 -9.18 -6.66 8.02
CA HIS A 72 -10.45 -7.23 7.62
C HIS A 72 -10.37 -8.73 7.35
N ASP A 73 -9.19 -9.32 7.53
CA ASP A 73 -9.03 -10.77 7.40
C ASP A 73 -9.64 -11.51 8.58
N ARG A 74 -9.62 -10.88 9.74
CA ARG A 74 -10.07 -11.50 10.97
C ARG A 74 -11.50 -11.05 11.33
N LEU A 75 -12.27 -10.75 10.28
CA LEU A 75 -13.61 -10.18 10.42
C LEU A 75 -14.63 -10.81 9.50
N THR A 76 -15.86 -10.95 9.99
CA THR A 76 -16.98 -11.25 9.10
C THR A 76 -17.24 -10.06 8.18
N PRO A 77 -17.80 -10.31 6.98
CA PRO A 77 -18.27 -9.21 6.13
C PRO A 77 -19.16 -8.24 6.92
N GLU A 78 -19.99 -8.80 7.79
CA GLU A 78 -20.91 -8.03 8.60
C GLU A 78 -20.14 -7.09 9.51
N GLN A 79 -19.04 -7.58 10.07
CA GLN A 79 -18.21 -6.77 10.94
C GLN A 79 -17.51 -5.65 10.18
N SER A 80 -16.98 -6.01 9.01
CA SER A 80 -16.37 -5.06 8.10
C SER A 80 -17.34 -3.95 7.72
N ARG A 81 -18.49 -4.35 7.24
CA ARG A 81 -19.56 -3.44 6.87
C ARG A 81 -19.94 -2.50 8.02
N ASP A 82 -20.08 -3.04 9.24
CA ASP A 82 -20.46 -2.19 10.36
C ASP A 82 -19.39 -1.15 10.67
N ILE A 83 -18.15 -1.46 10.32
CA ILE A 83 -17.04 -0.58 10.63
C ILE A 83 -16.96 0.52 9.58
N ILE A 84 -17.21 0.17 8.33
CA ILE A 84 -17.04 1.13 7.25
C ILE A 84 -18.24 2.07 7.20
N LEU A 85 -19.44 1.49 7.17
CA LEU A 85 -20.66 2.27 7.13
C LEU A 85 -20.79 3.23 8.32
N SER A 86 -20.13 2.93 9.43
CA SER A 86 -20.21 3.78 10.62
C SER A 86 -19.50 5.11 10.50
N HIS A 87 -18.48 5.19 9.65
CA HIS A 87 -17.54 6.30 9.81
C HIS A 87 -18.16 7.63 9.42
N THR A 88 -19.27 7.61 8.68
CA THR A 88 -19.98 8.84 8.31
C THR A 88 -20.76 9.35 9.50
N LYS A 89 -21.62 8.50 10.05
CA LYS A 89 -22.35 8.82 11.27
C LYS A 89 -21.43 9.23 12.42
N ASP A 90 -20.36 8.45 12.66
CA ASP A 90 -19.40 8.74 13.73
C ASP A 90 -18.67 10.07 13.51
N GLY A 91 -18.30 10.36 12.26
CA GLY A 91 -17.65 11.62 11.95
C GLY A 91 -18.55 12.80 12.29
N ALA A 92 -19.83 12.66 11.93
CA ALA A 92 -20.86 13.67 12.17
C ALA A 92 -21.05 13.91 13.66
N GLU A 93 -21.13 12.83 14.43
CA GLU A 93 -21.38 12.94 15.85
C GLU A 93 -20.14 13.44 16.56
N ILE A 94 -18.95 13.11 16.07
CA ILE A 94 -17.74 13.74 16.60
C ILE A 94 -17.74 15.25 16.36
N LEU A 95 -18.10 15.66 15.14
CA LEU A 95 -18.10 17.06 14.77
C LEU A 95 -19.14 17.85 15.58
N LYS A 96 -20.30 17.22 15.79
CA LYS A 96 -21.33 17.81 16.62
C LYS A 96 -20.80 18.09 18.02
N GLU A 97 -20.30 17.05 18.69
CA GLU A 97 -19.68 17.19 20.01
C GLU A 97 -18.62 18.29 20.09
N ASN A 98 -18.06 18.66 18.94
CA ASN A 98 -17.08 19.73 18.93
C ASN A 98 -17.63 21.04 18.40
N HIS A 99 -18.96 21.12 18.31
CA HIS A 99 -19.65 22.36 17.99
C HIS A 99 -19.20 22.96 16.66
N MET A 100 -18.95 22.09 15.68
CA MET A 100 -18.56 22.54 14.34
C MET A 100 -19.79 23.03 13.61
N PRO A 101 -19.60 23.88 12.57
CA PRO A 101 -20.78 24.32 11.81
C PRO A 101 -21.55 23.15 11.19
N GLN A 102 -22.87 23.24 11.20
CA GLN A 102 -23.71 22.18 10.64
C GLN A 102 -23.39 21.83 9.17
N PRO A 103 -22.99 22.81 8.33
CA PRO A 103 -22.66 22.33 6.98
C PRO A 103 -21.46 21.39 6.94
N ILE A 104 -20.54 21.55 7.88
CA ILE A 104 -19.38 20.65 7.95
C ILE A 104 -19.87 19.28 8.40
N ILE A 105 -20.82 19.30 9.33
CA ILE A 105 -21.41 18.09 9.86
C ILE A 105 -22.16 17.34 8.75
N ASP A 106 -22.95 18.09 7.97
CA ASP A 106 -23.69 17.54 6.84
C ASP A 106 -22.79 16.80 5.86
N ILE A 107 -21.63 17.38 5.57
CA ILE A 107 -20.68 16.83 4.64
C ILE A 107 -20.12 15.47 5.11
N ALA A 108 -19.73 15.37 6.38
CA ALA A 108 -19.25 14.11 6.95
C ALA A 108 -20.31 13.04 6.84
N LEU A 109 -21.56 13.39 7.10
CA LEU A 109 -22.63 12.41 7.10
C LEU A 109 -23.05 11.99 5.68
N GLN A 110 -22.95 12.91 4.73
CA GLN A 110 -23.56 12.70 3.42
C GLN A 110 -22.58 12.37 2.30
N HIS A 111 -21.28 12.42 2.58
CA HIS A 111 -20.33 12.39 1.48
C HIS A 111 -20.25 11.03 0.77
N HIS A 112 -20.87 9.98 1.32
CA HIS A 112 -21.02 8.72 0.58
C HIS A 112 -22.44 8.52 0.03
N GLY A 113 -23.28 9.54 0.20
CA GLY A 113 -24.69 9.42 -0.12
C GLY A 113 -25.30 8.19 0.54
N THR A 114 -26.04 7.42 -0.25
CA THR A 114 -26.54 6.11 0.19
C THR A 114 -25.91 4.99 -0.64
N THR A 115 -24.64 5.14 -1.00
CA THR A 115 -24.04 4.19 -1.93
C THR A 115 -23.83 2.79 -1.34
N LEU A 116 -23.81 1.81 -2.24
CA LEU A 116 -23.65 0.42 -1.85
C LEU A 116 -22.19 0.06 -1.61
N LEU A 117 -21.93 -0.55 -0.46
CA LEU A 117 -20.65 -1.16 -0.18
C LEU A 117 -20.54 -2.44 -1.00
N LYS A 118 -20.17 -2.32 -2.27
CA LYS A 118 -20.30 -3.44 -3.21
C LYS A 118 -19.49 -4.66 -2.81
N TYR A 119 -18.19 -4.48 -2.58
CA TYR A 119 -17.33 -5.60 -2.21
C TYR A 119 -17.87 -6.49 -1.08
N PHE A 120 -18.22 -5.88 0.06
CA PHE A 120 -18.73 -6.66 1.18
C PHE A 120 -20.16 -7.14 0.94
N TYR A 121 -20.91 -6.45 0.09
CA TYR A 121 -22.19 -6.96 -0.37
C TYR A 121 -21.88 -8.20 -1.18
N PHE A 122 -20.82 -8.13 -1.96
CA PHE A 122 -20.47 -9.23 -2.85
C PHE A 122 -19.49 -10.24 -2.24
N LYS A 123 -19.19 -10.11 -0.95
CA LYS A 123 -18.37 -11.09 -0.21
C LYS A 123 -19.33 -11.84 0.68
N ALA A 124 -20.51 -11.24 0.87
CA ALA A 124 -21.57 -11.93 1.59
C ALA A 124 -22.55 -12.59 0.63
N LYS A 125 -22.07 -13.47 -0.24
CA LYS A 125 -23.00 -14.17 -1.14
C LYS A 125 -22.67 -15.63 -1.25
N ASP A 130 -28.32 -14.76 0.78
CA ASP A 130 -29.10 -13.83 -0.03
C ASP A 130 -29.55 -12.59 0.74
N VAL A 131 -28.58 -11.83 1.23
CA VAL A 131 -28.82 -10.61 1.97
C VAL A 131 -29.25 -9.47 1.03
N LYS A 132 -29.95 -8.48 1.59
CA LYS A 132 -30.45 -7.35 0.80
C LYS A 132 -29.49 -6.13 0.80
N GLU A 133 -29.43 -5.45 -0.34
CA GLU A 133 -28.61 -4.24 -0.53
C GLU A 133 -28.69 -3.23 0.59
N ALA A 134 -29.90 -2.98 1.07
CA ALA A 134 -30.17 -1.95 2.06
C ALA A 134 -29.26 -2.04 3.29
N ASP A 135 -28.83 -3.25 3.62
CA ASP A 135 -27.95 -3.48 4.76
C ASP A 135 -26.49 -3.10 4.46
N TYR A 136 -26.15 -2.99 3.19
CA TYR A 136 -24.79 -2.70 2.78
C TYR A 136 -24.64 -1.30 2.15
N ARG A 137 -25.65 -0.45 2.38
CA ARG A 137 -25.65 0.93 1.91
C ARG A 137 -25.45 1.91 3.07
N TYR A 138 -24.77 3.01 2.80
CA TYR A 138 -24.66 4.06 3.79
C TYR A 138 -26.03 4.65 4.09
N SER A 139 -26.18 5.17 5.30
CA SER A 139 -27.48 5.64 5.76
C SER A 139 -27.89 6.94 5.08
N GLY A 140 -26.94 7.61 4.44
CA GLY A 140 -27.24 8.87 3.82
C GLY A 140 -27.39 9.97 4.84
N PRO A 141 -28.12 11.05 4.50
CA PRO A 141 -28.88 11.23 3.25
C PRO A 141 -28.01 11.36 2.00
N LYS A 142 -28.63 11.20 0.83
CA LYS A 142 -27.98 11.54 -0.43
C LYS A 142 -27.56 12.99 -0.36
N PRO A 143 -26.50 13.35 -1.11
CA PRO A 143 -26.00 14.73 -1.14
C PRO A 143 -27.12 15.74 -1.37
N GLN A 144 -27.24 16.71 -0.47
CA GLN A 144 -28.31 17.69 -0.55
C GLN A 144 -27.88 18.96 -1.31
N THR A 145 -26.59 19.12 -1.54
CA THR A 145 -26.10 20.32 -2.20
C THR A 145 -25.10 19.97 -3.30
N LYS A 146 -24.88 20.91 -4.22
CA LYS A 146 -23.89 20.76 -5.28
C LYS A 146 -22.53 20.47 -4.66
N GLU A 147 -22.26 21.12 -3.55
CA GLU A 147 -20.97 21.04 -2.87
C GLU A 147 -20.70 19.63 -2.37
N ILE A 148 -21.70 19.03 -1.74
CA ILE A 148 -21.55 17.68 -1.26
C ILE A 148 -21.42 16.69 -2.41
N ALA A 149 -22.15 16.91 -3.51
CA ALA A 149 -22.01 16.07 -4.70
C ALA A 149 -20.59 16.14 -5.26
N ILE A 150 -20.02 17.34 -5.31
CA ILE A 150 -18.63 17.50 -5.74
C ILE A 150 -17.68 16.68 -4.87
N ILE A 151 -17.92 16.70 -3.56
CA ILE A 151 -17.02 16.06 -2.63
C ILE A 151 -17.10 14.54 -2.79
N ASN A 152 -18.32 14.02 -2.90
CA ASN A 152 -18.56 12.62 -3.17
C ASN A 152 -17.77 12.11 -4.38
N ILE A 153 -17.83 12.83 -5.48
CA ILE A 153 -17.13 12.40 -6.68
C ILE A 153 -15.61 12.47 -6.49
N SER A 154 -15.14 13.61 -6.00
CA SER A 154 -13.73 13.85 -5.73
C SER A 154 -13.13 12.83 -4.77
N ASP A 155 -13.88 12.53 -3.71
CA ASP A 155 -13.46 11.59 -2.67
C ASP A 155 -13.29 10.18 -3.26
N SER A 156 -14.30 9.71 -3.97
CA SER A 156 -14.23 8.42 -4.65
C SER A 156 -13.08 8.38 -5.62
N VAL A 157 -12.90 9.44 -6.39
CA VAL A 157 -11.85 9.47 -7.41
C VAL A 157 -10.46 9.43 -6.77
N GLU A 158 -10.26 10.21 -5.71
CA GLU A 158 -8.98 10.26 -5.03
C GLU A 158 -8.59 8.86 -4.54
N ALA A 159 -9.53 8.17 -3.91
CA ALA A 159 -9.20 6.88 -3.30
C ALA A 159 -8.88 5.84 -4.37
N ALA A 160 -9.65 5.84 -5.47
CA ALA A 160 -9.45 4.88 -6.55
C ALA A 160 -8.11 5.04 -7.27
N VAL A 161 -7.74 6.29 -7.54
CA VAL A 161 -6.48 6.58 -8.20
C VAL A 161 -5.32 6.30 -7.24
N ARG A 162 -5.49 6.65 -5.96
CA ARG A 162 -4.48 6.38 -4.96
C ARG A 162 -4.16 4.88 -4.87
N SER A 163 -5.21 4.06 -4.94
CA SER A 163 -5.06 2.61 -4.87
C SER A 163 -4.56 1.99 -6.17
N SER A 164 -4.83 2.63 -7.30
CA SER A 164 -4.50 2.02 -8.58
C SER A 164 -3.00 1.97 -8.76
N THR A 165 -2.54 1.01 -9.55
CA THR A 165 -1.11 0.75 -9.62
C THR A 165 -0.59 0.52 -11.05
N GLU A 166 -0.02 1.56 -11.64
CA GLU A 166 -0.16 2.90 -11.14
C GLU A 166 -0.32 3.80 -12.35
N PRO A 167 -1.20 4.79 -12.22
CA PRO A 167 -2.17 5.12 -13.27
C PRO A 167 -1.65 5.91 -14.46
N THR A 168 -2.03 5.44 -15.65
CA THR A 168 -1.91 6.26 -16.84
C THR A 168 -3.01 7.31 -16.79
N MET A 169 -2.94 8.27 -17.70
CA MET A 169 -3.96 9.31 -17.78
C MET A 169 -5.26 8.72 -18.32
N ALA A 170 -5.12 7.71 -19.19
CA ALA A 170 -6.26 6.99 -19.72
C ALA A 170 -7.00 6.21 -18.61
N LYS A 171 -6.24 5.76 -17.63
CA LYS A 171 -6.82 4.96 -16.55
C LYS A 171 -7.55 5.89 -15.59
N ILE A 172 -6.92 7.01 -15.28
CA ILE A 172 -7.50 8.02 -14.42
C ILE A 172 -8.85 8.48 -15.00
N THR A 173 -8.87 8.74 -16.30
CA THR A 173 -10.08 9.13 -17.01
C THR A 173 -11.18 8.07 -16.92
N GLU A 174 -10.76 6.82 -17.08
CA GLU A 174 -11.65 5.68 -17.02
C GLU A 174 -12.26 5.52 -15.62
N ILE A 175 -11.44 5.76 -14.62
CA ILE A 175 -11.89 5.72 -13.23
C ILE A 175 -12.93 6.80 -12.94
N ILE A 176 -12.64 8.01 -13.38
CA ILE A 176 -13.53 9.16 -13.15
C ILE A 176 -14.86 8.94 -13.84
N ASP A 177 -14.83 8.55 -15.12
CA ASP A 177 -16.05 8.25 -15.86
C ASP A 177 -16.84 7.08 -15.26
N GLY A 178 -16.14 6.06 -14.79
CA GLY A 178 -16.78 4.92 -14.13
C GLY A 178 -17.60 5.36 -12.93
N ILE A 179 -16.99 6.17 -12.07
CA ILE A 179 -17.62 6.64 -10.85
C ILE A 179 -18.81 7.57 -11.15
N ILE A 180 -18.66 8.44 -12.13
CA ILE A 180 -19.72 9.39 -12.43
C ILE A 180 -20.94 8.65 -12.97
N LYS A 181 -20.68 7.71 -13.87
CA LYS A 181 -21.71 6.80 -14.40
C LYS A 181 -22.46 6.09 -13.27
N ASP A 182 -21.69 5.49 -12.38
CA ASP A 182 -22.26 4.80 -11.22
C ASP A 182 -23.17 5.70 -10.42
N ARG A 183 -22.69 6.90 -10.11
CA ARG A 183 -23.47 7.84 -9.33
C ARG A 183 -24.76 8.23 -10.04
N PHE A 184 -24.67 8.40 -11.37
CA PHE A 184 -25.83 8.77 -12.18
C PHE A 184 -26.86 7.64 -12.22
N LEU A 185 -26.41 6.43 -12.52
CA LEU A 185 -27.32 5.30 -12.59
C LEU A 185 -27.91 4.89 -11.24
N ASP A 186 -27.18 5.13 -10.14
CA ASP A 186 -27.68 4.74 -8.84
C ASP A 186 -28.51 5.87 -8.19
N GLY A 187 -28.73 6.95 -8.93
CA GLY A 187 -29.56 8.05 -8.44
C GLY A 187 -29.04 8.84 -7.24
N GLN A 188 -27.72 8.91 -7.08
CA GLN A 188 -27.17 9.54 -5.88
C GLN A 188 -27.30 11.08 -5.84
N PHE A 189 -27.46 11.69 -7.01
CA PHE A 189 -27.48 13.16 -7.08
C PHE A 189 -28.88 13.72 -7.38
N THR A 190 -29.91 12.92 -7.17
CA THR A 190 -31.24 13.38 -7.51
C THR A 190 -31.92 14.17 -6.41
N GLU A 191 -31.19 14.52 -5.35
CA GLU A 191 -31.77 15.30 -4.26
C GLU A 191 -31.00 16.62 -4.06
N CYS A 192 -30.16 16.96 -5.03
CA CYS A 192 -29.52 18.27 -5.09
C CYS A 192 -29.68 18.84 -6.50
N ASP A 193 -29.11 20.03 -6.72
CA ASP A 193 -29.35 20.80 -7.93
C ASP A 193 -28.20 20.79 -8.91
N ILE A 194 -27.27 19.87 -8.73
CA ILE A 194 -26.12 19.83 -9.62
C ILE A 194 -26.59 19.53 -11.04
N THR A 195 -26.00 20.22 -12.01
CA THR A 195 -26.43 20.07 -13.38
C THR A 195 -25.51 19.12 -14.13
N ILE A 196 -26.06 18.47 -15.16
CA ILE A 196 -25.28 17.62 -16.04
C ILE A 196 -24.08 18.37 -16.62
N GLN A 197 -24.26 19.64 -16.96
CA GLN A 197 -23.14 20.45 -17.41
C GLN A 197 -22.06 20.62 -16.30
N GLU A 198 -22.48 20.88 -15.08
CA GLU A 198 -21.50 21.02 -13.99
C GLU A 198 -20.71 19.71 -13.82
N ILE A 199 -21.40 18.59 -13.98
CA ILE A 199 -20.78 17.30 -13.85
C ILE A 199 -19.73 17.05 -14.93
N LYS A 200 -19.96 17.60 -16.10
CA LYS A 200 -18.96 17.51 -17.15
C LYS A 200 -17.75 18.39 -16.79
N ILE A 201 -18.04 19.56 -16.25
CA ILE A 201 -16.98 20.48 -15.85
C ILE A 201 -16.15 19.84 -14.72
N ILE A 202 -16.84 19.29 -13.73
CA ILE A 202 -16.21 18.56 -12.62
C ILE A 202 -15.32 17.45 -13.15
N ARG A 203 -15.86 16.67 -14.09
CA ARG A 203 -15.15 15.57 -14.72
C ARG A 203 -13.86 16.03 -15.41
N ASP A 204 -13.93 17.13 -16.14
CA ASP A 204 -12.77 17.60 -16.90
C ASP A 204 -11.72 18.21 -15.98
N THR A 205 -12.18 18.85 -14.92
CA THR A 205 -11.31 19.46 -13.95
C THR A 205 -10.49 18.41 -13.19
N LEU A 206 -11.12 17.32 -12.81
CA LEU A 206 -10.44 16.24 -12.10
C LEU A 206 -9.33 15.64 -12.97
N ILE A 207 -9.64 15.36 -14.22
CA ILE A 207 -8.64 14.91 -15.18
C ILE A 207 -7.45 15.86 -15.25
N ALA A 208 -7.72 17.16 -15.38
CA ALA A 208 -6.65 18.16 -15.46
C ALA A 208 -5.87 18.30 -14.16
N THR A 209 -6.56 18.35 -13.02
CA THR A 209 -5.89 18.47 -11.74
C THR A 209 -5.04 17.23 -11.44
N LEU A 210 -5.50 16.05 -11.87
CA LEU A 210 -4.80 14.84 -11.50
C LEU A 210 -3.59 14.65 -12.39
N ASN A 211 -3.70 15.12 -13.63
CA ASN A 211 -2.58 15.10 -14.56
C ASN A 211 -1.40 15.91 -14.03
N GLY A 212 -1.69 17.06 -13.43
CA GLY A 212 -0.65 17.88 -12.84
C GLY A 212 -0.01 17.20 -11.64
N ILE A 213 -0.73 16.25 -11.07
CA ILE A 213 -0.29 15.59 -9.87
C ILE A 213 0.51 14.32 -10.19
N TYR A 214 0.13 13.66 -11.29
CA TYR A 214 0.79 12.41 -11.71
C TYR A 214 1.71 12.59 -12.93
N HIS A 215 1.65 13.77 -13.57
CA HIS A 215 2.56 14.14 -14.66
C HIS A 215 2.45 13.19 -15.86
N ASN B 4 9.82 -11.62 22.05
CA ASN B 4 10.92 -11.38 21.12
C ASN B 4 12.20 -10.84 21.73
N HIS B 5 13.32 -11.29 21.18
CA HIS B 5 14.63 -10.75 21.51
C HIS B 5 14.66 -9.25 21.20
N PRO B 6 15.33 -8.46 22.06
CA PRO B 6 15.41 -7.00 21.88
C PRO B 6 15.73 -6.58 20.45
N LEU B 7 16.65 -7.29 19.79
CA LEU B 7 17.00 -6.96 18.42
C LEU B 7 15.82 -7.14 17.47
N LEU B 8 15.12 -8.25 17.63
CA LEU B 8 13.99 -8.53 16.76
C LEU B 8 12.82 -7.59 17.04
N LYS B 9 12.67 -7.18 18.30
CA LYS B 9 11.56 -6.29 18.66
C LYS B 9 11.79 -4.88 18.13
N LYS B 10 13.06 -4.48 18.04
CA LYS B 10 13.35 -3.18 17.47
C LYS B 10 12.97 -3.14 15.97
N ILE B 11 12.95 -4.30 15.30
CA ILE B 11 12.45 -4.35 13.92
C ILE B 11 10.94 -4.18 13.92
N LEU B 12 10.26 -4.88 14.81
CA LEU B 12 8.80 -4.79 14.90
C LEU B 12 8.33 -3.37 15.23
N MET B 13 9.09 -2.68 16.08
CA MET B 13 8.68 -1.35 16.52
C MET B 13 9.04 -0.24 15.53
N LYS B 14 10.24 -0.29 14.96
CA LYS B 14 10.65 0.74 14.01
C LYS B 14 10.11 0.54 12.58
N ALA B 15 9.93 -0.71 12.18
CA ALA B 15 9.57 -1.03 10.81
C ALA B 15 8.65 -2.23 10.75
N PRO B 16 7.41 -2.07 11.22
CA PRO B 16 6.46 -3.19 11.30
C PRO B 16 6.26 -3.88 9.94
N GLY B 17 6.36 -3.13 8.84
CA GLY B 17 6.25 -3.73 7.51
C GLY B 17 7.40 -4.69 7.24
N THR B 18 8.63 -4.22 7.48
CA THR B 18 9.82 -5.06 7.34
C THR B 18 9.75 -6.32 8.19
N TYR B 19 9.24 -6.17 9.41
CA TYR B 19 9.04 -7.29 10.33
C TYR B 19 8.13 -8.36 9.73
N HIS B 20 6.93 -7.94 9.33
CA HIS B 20 5.91 -8.85 8.81
C HIS B 20 6.46 -9.50 7.55
N HIS B 21 7.24 -8.73 6.80
CA HIS B 21 7.86 -9.20 5.57
C HIS B 21 8.87 -10.28 5.88
N SER B 22 9.71 -10.02 6.88
CA SER B 22 10.74 -10.96 7.27
C SER B 22 10.17 -12.27 7.80
N MET B 23 9.03 -12.21 8.49
CA MET B 23 8.40 -13.42 9.02
C MET B 23 7.89 -14.27 7.88
N MET B 24 7.27 -13.61 6.92
CA MET B 24 6.78 -14.25 5.71
C MET B 24 7.88 -14.90 4.86
N VAL B 25 9.00 -14.22 4.71
CA VAL B 25 10.15 -14.75 4.01
C VAL B 25 10.66 -16.02 4.71
N ALA B 26 10.75 -15.95 6.03
CA ALA B 26 11.25 -17.06 6.84
C ALA B 26 10.40 -18.30 6.60
N ASN B 27 9.09 -18.10 6.57
CA ASN B 27 8.16 -19.17 6.27
C ASN B 27 8.42 -19.79 4.89
N LEU B 28 8.44 -18.95 3.85
CA LEU B 28 8.72 -19.39 2.48
C LEU B 28 10.05 -20.12 2.36
N ALA B 29 11.09 -19.48 2.86
CA ALA B 29 12.44 -19.95 2.67
C ALA B 29 12.71 -21.22 3.50
N GLU B 30 12.15 -21.29 4.70
CA GLU B 30 12.34 -22.49 5.52
C GLU B 30 11.67 -23.69 4.88
N ALA B 31 10.49 -23.48 4.29
CA ALA B 31 9.80 -24.56 3.61
C ALA B 31 10.66 -25.12 2.45
N CYS B 32 11.36 -24.24 1.72
CA CYS B 32 12.22 -24.66 0.63
C CYS B 32 13.45 -25.42 1.17
N ALA B 33 14.05 -24.90 2.23
CA ALA B 33 15.15 -25.57 2.91
C ALA B 33 14.78 -27.00 3.34
N ASP B 34 13.54 -27.18 3.79
CA ASP B 34 13.07 -28.50 4.19
C ASP B 34 13.10 -29.43 3.00
N LYS B 35 12.51 -28.98 1.89
CA LYS B 35 12.33 -29.82 0.72
C LYS B 35 13.62 -30.23 0.04
N ILE B 36 14.72 -29.50 0.28
CA ILE B 36 16.00 -29.86 -0.34
C ILE B 36 17.04 -30.24 0.71
N GLY B 37 16.61 -30.34 1.95
CA GLY B 37 17.46 -30.80 3.02
C GLY B 37 18.60 -29.86 3.33
N ALA B 38 18.35 -28.56 3.23
CA ALA B 38 19.34 -27.57 3.65
C ALA B 38 19.12 -27.22 5.11
N ASN B 39 19.97 -26.35 5.63
CA ASN B 39 19.95 -25.98 7.03
C ASN B 39 18.74 -25.09 7.33
N SER B 40 17.61 -25.73 7.61
CA SER B 40 16.35 -25.04 7.85
C SER B 40 16.39 -24.00 8.97
N LEU B 41 17.02 -24.31 10.09
CA LEU B 41 16.93 -23.39 11.23
C LEU B 41 17.78 -22.17 11.01
N LEU B 42 18.94 -22.33 10.38
CA LEU B 42 19.72 -21.17 10.02
C LEU B 42 18.94 -20.26 9.06
N VAL B 43 18.25 -20.87 8.10
CA VAL B 43 17.40 -20.13 7.16
C VAL B 43 16.30 -19.34 7.85
N ARG B 44 15.57 -19.99 8.74
CA ARG B 44 14.51 -19.37 9.51
C ARG B 44 14.99 -18.12 10.28
N VAL B 45 16.00 -18.28 11.11
CA VAL B 45 16.42 -17.18 11.97
C VAL B 45 17.19 -16.12 11.18
N GLY B 46 17.91 -16.55 10.16
CA GLY B 46 18.57 -15.62 9.23
C GLY B 46 17.60 -14.64 8.58
N CYS B 47 16.44 -15.14 8.16
CA CYS B 47 15.43 -14.29 7.54
C CYS B 47 14.89 -13.24 8.49
N PHE B 48 14.70 -13.61 9.76
CA PHE B 48 14.22 -12.71 10.80
C PHE B 48 15.07 -11.43 10.81
N TYR B 49 16.38 -11.58 10.60
CA TYR B 49 17.28 -10.43 10.74
C TYR B 49 17.82 -9.87 9.46
N HIS B 50 17.46 -10.46 8.32
CA HIS B 50 18.13 -10.13 7.06
C HIS B 50 17.97 -8.67 6.64
N ASP B 51 16.87 -8.04 7.02
CA ASP B 51 16.58 -6.68 6.59
C ASP B 51 16.70 -5.64 7.71
N ILE B 52 17.39 -6.02 8.77
CA ILE B 52 17.47 -5.19 9.97
C ILE B 52 18.11 -3.83 9.66
N GLY B 53 18.86 -3.74 8.57
CA GLY B 53 19.45 -2.47 8.19
C GLY B 53 18.42 -1.44 7.77
N LYS B 54 17.21 -1.89 7.49
CA LYS B 54 16.15 -0.96 7.14
C LYS B 54 15.68 -0.19 8.36
N THR B 55 16.07 -0.62 9.56
CA THR B 55 15.62 0.09 10.77
C THR B 55 16.23 1.47 10.85
N LEU B 56 17.34 1.69 10.14
CA LEU B 56 17.96 3.02 10.12
C LEU B 56 17.06 4.06 9.45
N ARG B 57 16.35 3.66 8.39
CA ARG B 57 15.50 4.57 7.62
C ARG B 57 14.24 3.90 7.10
N PRO B 58 13.35 3.47 8.00
CA PRO B 58 12.19 2.64 7.63
C PRO B 58 11.24 3.18 6.55
N PRO B 59 10.93 4.50 6.53
CA PRO B 59 9.93 4.87 5.52
C PRO B 59 10.41 4.78 4.08
N TYR B 60 11.71 4.58 3.86
CA TYR B 60 12.18 4.51 2.49
C TYR B 60 12.09 3.09 1.91
N PHE B 61 11.39 2.21 2.61
CA PHE B 61 11.14 0.87 2.09
C PHE B 61 9.65 0.60 2.00
N VAL B 62 9.20 0.15 0.84
CA VAL B 62 7.78 0.25 0.49
C VAL B 62 6.91 -0.53 1.44
N GLU B 63 7.40 -1.66 1.95
CA GLU B 63 6.61 -2.46 2.87
C GLU B 63 6.28 -1.68 4.15
N ASN B 64 7.00 -0.58 4.42
CA ASN B 64 6.67 0.29 5.55
C ASN B 64 5.84 1.53 5.16
N GLN B 65 5.46 1.66 3.90
CA GLN B 65 4.84 2.90 3.43
C GLN B 65 3.33 2.83 3.39
N LEU B 66 2.68 3.96 3.53
CA LEU B 66 1.24 3.99 3.27
C LEU B 66 1.05 4.23 1.79
N GLN B 67 -0.09 3.78 1.28
CA GLN B 67 -0.50 4.03 -0.11
C GLN B 67 -0.20 5.44 -0.57
N GLY B 68 0.45 5.57 -1.71
CA GLY B 68 0.62 6.86 -2.34
C GLY B 68 1.41 7.87 -1.54
N ILE B 69 2.16 7.40 -0.55
CA ILE B 69 3.02 8.28 0.23
C ILE B 69 4.43 7.73 0.20
N ASN B 70 5.19 8.14 -0.81
CA ASN B 70 6.53 7.65 -1.04
C ASN B 70 7.61 8.73 -0.94
N PRO B 71 8.44 8.69 0.10
CA PRO B 71 9.48 9.69 0.36
C PRO B 71 10.56 9.77 -0.71
N HIS B 72 10.61 8.78 -1.60
CA HIS B 72 11.58 8.82 -2.69
C HIS B 72 11.23 9.88 -3.74
N ASP B 73 10.14 10.60 -3.53
CA ASP B 73 9.76 11.67 -4.46
C ASP B 73 10.64 12.90 -4.22
N ARG B 74 11.04 13.12 -2.97
CA ARG B 74 11.88 14.25 -2.61
C ARG B 74 13.38 13.89 -2.64
N LEU B 75 13.72 12.95 -3.53
CA LEU B 75 15.08 12.40 -3.59
C LEU B 75 15.62 12.25 -5.01
N THR B 76 16.91 12.46 -5.17
CA THR B 76 17.59 12.08 -6.41
C THR B 76 17.69 10.55 -6.49
N PRO B 77 17.78 10.00 -7.71
CA PRO B 77 18.02 8.55 -7.87
C PRO B 77 19.23 8.12 -7.04
N GLU B 78 20.28 8.94 -7.07
CA GLU B 78 21.50 8.71 -6.32
C GLU B 78 21.21 8.60 -4.83
N GLN B 79 20.37 9.49 -4.33
CA GLN B 79 20.02 9.47 -2.92
C GLN B 79 19.20 8.24 -2.60
N SER B 80 18.29 7.89 -3.50
CA SER B 80 17.48 6.70 -3.37
C SER B 80 18.33 5.44 -3.36
N ARG B 81 19.18 5.32 -4.36
CA ARG B 81 20.15 4.23 -4.46
C ARG B 81 21.01 4.12 -3.21
N ASP B 82 21.54 5.24 -2.72
CA ASP B 82 22.42 5.14 -1.55
C ASP B 82 21.70 4.60 -0.33
N ILE B 83 20.41 4.87 -0.22
CA ILE B 83 19.65 4.42 0.94
C ILE B 83 19.30 2.94 0.82
N ILE B 84 19.01 2.50 -0.39
CA ILE B 84 18.58 1.12 -0.61
C ILE B 84 19.77 0.17 -0.56
N LEU B 85 20.80 0.47 -1.35
CA LEU B 85 21.99 -0.36 -1.40
C LEU B 85 22.68 -0.47 -0.04
N SER B 86 22.45 0.49 0.85
CA SER B 86 23.09 0.49 2.17
C SER B 86 22.56 -0.54 3.15
N HIS B 87 21.31 -0.96 2.97
CA HIS B 87 20.65 -1.67 4.07
C HIS B 87 21.25 -3.07 4.30
N THR B 88 21.97 -3.60 3.31
CA THR B 88 22.62 -4.91 3.49
C THR B 88 23.86 -4.74 4.35
N LYS B 89 24.77 -3.87 3.91
CA LYS B 89 25.92 -3.48 4.70
C LYS B 89 25.54 -3.00 6.11
N ASP B 90 24.58 -2.09 6.21
CA ASP B 90 24.14 -1.58 7.52
C ASP B 90 23.59 -2.70 8.40
N GLY B 91 22.83 -3.63 7.81
CA GLY B 91 22.26 -4.72 8.59
C GLY B 91 23.37 -5.59 9.19
N ALA B 92 24.39 -5.86 8.38
CA ALA B 92 25.52 -6.67 8.77
C ALA B 92 26.29 -6.03 9.91
N GLU B 93 26.48 -4.72 9.82
CA GLU B 93 27.14 -3.94 10.86
C GLU B 93 26.34 -3.92 12.17
N ILE B 94 25.03 -3.70 12.08
CA ILE B 94 24.19 -3.81 13.27
C ILE B 94 24.34 -5.19 13.91
N LEU B 95 24.33 -6.23 13.09
CA LEU B 95 24.40 -7.59 13.59
C LEU B 95 25.78 -7.89 14.21
N LYS B 96 26.84 -7.37 13.60
CA LYS B 96 28.18 -7.54 14.13
C LYS B 96 28.26 -6.88 15.51
N GLU B 97 27.92 -5.59 15.59
CA GLU B 97 27.88 -4.83 16.84
C GLU B 97 27.09 -5.52 17.95
N ASN B 98 26.19 -6.41 17.57
CA ASN B 98 25.41 -7.14 18.55
C ASN B 98 25.90 -8.57 18.74
N HIS B 99 27.10 -8.84 18.23
CA HIS B 99 27.77 -10.12 18.44
C HIS B 99 26.90 -11.29 18.02
N MET B 100 26.25 -11.16 16.87
CA MET B 100 25.43 -12.23 16.31
C MET B 100 26.33 -13.22 15.60
N PRO B 101 25.85 -14.46 15.40
CA PRO B 101 26.68 -15.44 14.68
C PRO B 101 26.98 -14.98 13.25
N GLN B 102 28.19 -15.25 12.80
CA GLN B 102 28.63 -14.86 11.47
C GLN B 102 27.73 -15.37 10.34
N PRO B 103 27.19 -16.59 10.45
CA PRO B 103 26.30 -16.96 9.33
C PRO B 103 25.06 -16.06 9.23
N ILE B 104 24.58 -15.52 10.34
CA ILE B 104 23.46 -14.58 10.30
C ILE B 104 23.92 -13.26 9.68
N ILE B 105 25.15 -12.87 9.98
CA ILE B 105 25.74 -11.67 9.43
C ILE B 105 25.91 -11.77 7.91
N ASP B 106 26.37 -12.94 7.45
CA ASP B 106 26.59 -13.20 6.04
C ASP B 106 25.29 -13.08 5.23
N ILE B 107 24.21 -13.60 5.80
CA ILE B 107 22.90 -13.54 5.20
C ILE B 107 22.40 -12.09 4.97
N ALA B 108 22.52 -11.25 6.00
CA ALA B 108 22.12 -9.85 5.85
C ALA B 108 22.94 -9.17 4.76
N LEU B 109 24.21 -9.50 4.68
CA LEU B 109 25.08 -8.84 3.73
C LEU B 109 24.88 -9.35 2.29
N GLN B 110 24.51 -10.63 2.16
CA GLN B 110 24.52 -11.28 0.84
C GLN B 110 23.16 -11.51 0.23
N HIS B 111 22.08 -11.21 0.96
CA HIS B 111 20.79 -11.70 0.50
C HIS B 111 20.27 -11.03 -0.79
N HIS B 112 20.90 -9.92 -1.22
CA HIS B 112 20.58 -9.38 -2.55
C HIS B 112 21.68 -9.70 -3.56
N GLY B 113 22.67 -10.46 -3.13
CA GLY B 113 23.84 -10.73 -3.96
C GLY B 113 24.44 -9.44 -4.47
N THR B 114 24.73 -9.41 -5.77
CA THR B 114 25.19 -8.20 -6.45
C THR B 114 24.15 -7.72 -7.45
N THR B 115 22.87 -7.89 -7.14
CA THR B 115 21.85 -7.59 -8.12
C THR B 115 21.71 -6.09 -8.40
N LEU B 116 21.25 -5.80 -9.62
CA LEU B 116 21.07 -4.44 -10.06
C LEU B 116 19.75 -3.86 -9.54
N LEU B 117 19.85 -2.67 -8.94
CA LEU B 117 18.69 -1.84 -8.63
C LEU B 117 18.17 -1.25 -9.92
N LYS B 118 17.40 -2.00 -10.70
CA LYS B 118 17.19 -1.57 -12.08
C LYS B 118 16.30 -0.34 -12.20
N TYR B 119 15.22 -0.26 -11.41
CA TYR B 119 14.37 0.93 -11.45
C TYR B 119 15.14 2.24 -11.34
N PHE B 120 15.97 2.38 -10.30
CA PHE B 120 16.75 3.61 -10.14
C PHE B 120 17.89 3.67 -11.14
N TYR B 121 18.24 2.52 -11.70
CA TYR B 121 19.24 2.50 -12.76
C TYR B 121 18.68 3.12 -14.03
N PHE B 122 17.49 2.70 -14.44
CA PHE B 122 16.94 3.23 -15.68
C PHE B 122 15.93 4.37 -15.44
N LYS B 123 16.01 5.01 -14.27
CA LYS B 123 15.41 6.33 -14.11
C LYS B 123 16.55 7.31 -14.34
N ALA B 124 17.75 6.88 -13.99
CA ALA B 124 18.97 7.65 -14.26
C ALA B 124 19.41 7.53 -15.72
N LYS B 125 18.52 7.02 -16.57
CA LYS B 125 18.66 7.16 -18.02
C LYS B 125 17.88 8.40 -18.46
N GLU B 126 16.71 8.55 -17.85
CA GLU B 126 15.76 9.60 -18.15
C GLU B 126 15.78 10.72 -17.10
N VAL B 131 25.64 6.48 -17.45
CA VAL B 131 25.89 6.01 -16.10
C VAL B 131 26.03 4.48 -16.04
N LYS B 132 26.84 4.01 -15.09
CA LYS B 132 27.31 2.63 -15.05
C LYS B 132 26.57 1.72 -14.06
N GLU B 133 26.19 0.52 -14.53
CA GLU B 133 25.51 -0.51 -13.74
C GLU B 133 26.13 -0.73 -12.35
N ALA B 134 27.45 -0.79 -12.32
CA ALA B 134 28.19 -1.12 -11.11
C ALA B 134 27.81 -0.23 -9.92
N ASP B 135 27.35 0.97 -10.21
CA ASP B 135 27.00 1.92 -9.15
C ASP B 135 25.59 1.68 -8.62
N TYR B 136 24.80 0.91 -9.36
CA TYR B 136 23.43 0.63 -8.97
C TYR B 136 23.25 -0.85 -8.59
N ARG B 137 24.37 -1.51 -8.30
CA ARG B 137 24.37 -2.89 -7.85
C ARG B 137 24.78 -3.00 -6.39
N TYR B 138 24.16 -3.93 -5.68
CA TYR B 138 24.59 -4.22 -4.32
C TYR B 138 26.05 -4.70 -4.27
N SER B 139 26.70 -4.48 -3.14
CA SER B 139 28.12 -4.76 -3.04
C SER B 139 28.41 -6.26 -2.88
N GLY B 140 27.35 -7.03 -2.67
CA GLY B 140 27.49 -8.45 -2.43
C GLY B 140 28.27 -8.76 -1.17
N PRO B 141 28.97 -9.90 -1.14
CA PRO B 141 29.16 -10.84 -2.26
C PRO B 141 27.90 -11.57 -2.71
N LYS B 142 27.96 -12.21 -3.88
CA LYS B 142 26.93 -13.15 -4.31
C LYS B 142 26.75 -14.25 -3.27
N PRO B 143 25.55 -14.83 -3.21
CA PRO B 143 25.27 -15.89 -2.24
C PRO B 143 26.34 -17.00 -2.25
N GLN B 144 26.91 -17.27 -1.08
CA GLN B 144 28.00 -18.24 -0.96
C GLN B 144 27.50 -19.65 -0.60
N THR B 145 26.23 -19.76 -0.23
CA THR B 145 25.67 -21.03 0.19
C THR B 145 24.32 -21.25 -0.43
N LYS B 146 23.88 -22.51 -0.45
CA LYS B 146 22.54 -22.86 -0.88
C LYS B 146 21.51 -22.10 -0.08
N GLU B 147 21.79 -21.94 1.21
CA GLU B 147 20.86 -21.31 2.14
C GLU B 147 20.59 -19.86 1.75
N ILE B 148 21.65 -19.12 1.47
CA ILE B 148 21.52 -17.73 1.11
C ILE B 148 20.84 -17.59 -0.26
N ALA B 149 21.11 -18.52 -1.19
CA ALA B 149 20.45 -18.50 -2.49
C ALA B 149 18.94 -18.69 -2.32
N ILE B 150 18.55 -19.60 -1.45
CA ILE B 150 17.14 -19.81 -1.14
C ILE B 150 16.51 -18.52 -0.64
N ILE B 151 17.22 -17.82 0.24
CA ILE B 151 16.69 -16.63 0.86
C ILE B 151 16.54 -15.51 -0.16
N ASN B 152 17.56 -15.31 -0.98
CA ASN B 152 17.47 -14.38 -2.10
C ASN B 152 16.20 -14.58 -2.93
N ILE B 153 15.92 -15.81 -3.31
CA ILE B 153 14.76 -16.08 -4.16
C ILE B 153 13.46 -15.81 -3.42
N SER B 154 13.36 -16.37 -2.21
CA SER B 154 12.17 -16.23 -1.35
C SER B 154 11.87 -14.77 -1.03
N ASP B 155 12.93 -14.02 -0.73
CA ASP B 155 12.83 -12.63 -0.36
C ASP B 155 12.30 -11.80 -1.53
N SER B 156 12.87 -12.00 -2.72
CA SER B 156 12.41 -11.30 -3.90
C SER B 156 10.98 -11.64 -4.21
N VAL B 157 10.66 -12.93 -4.10
CA VAL B 157 9.31 -13.41 -4.41
C VAL B 157 8.28 -12.84 -3.43
N GLU B 158 8.60 -12.86 -2.14
CA GLU B 158 7.68 -12.37 -1.13
C GLU B 158 7.32 -10.92 -1.43
N ALA B 159 8.32 -10.09 -1.64
CA ALA B 159 8.09 -8.67 -1.82
C ALA B 159 7.28 -8.38 -3.10
N ALA B 160 7.52 -9.14 -4.17
CA ALA B 160 6.82 -8.93 -5.45
C ALA B 160 5.33 -9.31 -5.40
N VAL B 161 5.05 -10.42 -4.73
CA VAL B 161 3.68 -10.86 -4.56
C VAL B 161 2.95 -9.94 -3.56
N ARG B 162 3.66 -9.49 -2.52
CA ARG B 162 3.10 -8.57 -1.53
C ARG B 162 2.66 -7.26 -2.19
N SER B 163 3.48 -6.77 -3.11
CA SER B 163 3.24 -5.47 -3.73
C SER B 163 2.34 -5.59 -4.95
N SER B 164 1.97 -6.80 -5.33
CA SER B 164 1.14 -6.95 -6.51
C SER B 164 -0.33 -6.95 -6.09
N THR B 165 -1.20 -6.52 -6.99
CA THR B 165 -2.58 -6.29 -6.65
C THR B 165 -3.55 -6.97 -7.62
N GLU B 166 -4.17 -8.06 -7.22
CA GLU B 166 -3.73 -8.88 -6.12
C GLU B 166 -3.87 -10.29 -6.69
N PRO B 167 -2.80 -11.08 -6.60
CA PRO B 167 -2.48 -11.95 -7.72
C PRO B 167 -3.18 -13.30 -7.77
N THR B 168 -3.30 -13.81 -8.98
CA THR B 168 -3.76 -15.17 -9.20
C THR B 168 -2.59 -16.12 -8.99
N MET B 169 -2.88 -17.42 -9.04
CA MET B 169 -1.84 -18.44 -8.97
C MET B 169 -0.96 -18.41 -10.21
N ALA B 170 -1.56 -17.95 -11.31
CA ALA B 170 -0.86 -17.79 -12.56
C ALA B 170 0.13 -16.63 -12.50
N LYS B 171 -0.29 -15.55 -11.86
CA LYS B 171 0.55 -14.38 -11.73
C LYS B 171 1.72 -14.71 -10.81
N ILE B 172 1.42 -15.38 -9.71
CA ILE B 172 2.42 -15.78 -8.73
C ILE B 172 3.46 -16.71 -9.37
N THR B 173 3.03 -17.61 -10.23
CA THR B 173 3.95 -18.52 -10.90
C THR B 173 4.89 -17.73 -11.84
N GLU B 174 4.31 -16.77 -12.53
CA GLU B 174 5.01 -15.91 -13.47
C GLU B 174 6.07 -15.05 -12.78
N ILE B 175 5.70 -14.52 -11.62
CA ILE B 175 6.62 -13.73 -10.81
C ILE B 175 7.83 -14.55 -10.37
N ILE B 176 7.58 -15.77 -9.88
CA ILE B 176 8.61 -16.66 -9.39
C ILE B 176 9.55 -17.07 -10.51
N ASP B 177 8.98 -17.48 -11.64
CA ASP B 177 9.78 -17.85 -12.81
C ASP B 177 10.60 -16.69 -13.35
N GLY B 178 10.03 -15.48 -13.35
CA GLY B 178 10.75 -14.29 -13.78
C GLY B 178 11.99 -14.03 -12.94
N ILE B 179 11.84 -14.15 -11.63
CA ILE B 179 12.93 -13.88 -10.70
C ILE B 179 14.03 -14.93 -10.84
N ILE B 180 13.64 -16.18 -10.99
CA ILE B 180 14.62 -17.24 -11.07
C ILE B 180 15.42 -17.10 -12.35
N LYS B 181 14.71 -16.85 -13.45
CA LYS B 181 15.32 -16.55 -14.74
C LYS B 181 16.34 -15.40 -14.64
N ASP B 182 15.88 -14.30 -14.06
CA ASP B 182 16.72 -13.13 -13.81
C ASP B 182 18.00 -13.53 -13.06
N ARG B 183 17.85 -14.24 -11.94
CA ARG B 183 18.99 -14.66 -11.14
C ARG B 183 19.94 -15.55 -11.91
N PHE B 184 19.38 -16.46 -12.73
CA PHE B 184 20.18 -17.38 -13.53
C PHE B 184 20.96 -16.63 -14.61
N LEU B 185 20.29 -15.78 -15.37
CA LEU B 185 20.94 -15.01 -16.42
C LEU B 185 21.95 -13.97 -15.90
N ASP B 186 21.73 -13.44 -14.69
CA ASP B 186 22.66 -12.44 -14.16
C ASP B 186 23.80 -13.09 -13.38
N GLY B 187 23.85 -14.43 -13.35
CA GLY B 187 24.94 -15.15 -12.71
C GLY B 187 25.04 -15.02 -11.21
N GLN B 188 23.91 -14.81 -10.53
CA GLN B 188 23.95 -14.54 -9.08
C GLN B 188 24.25 -15.78 -8.25
N PHE B 189 24.02 -16.97 -8.81
CA PHE B 189 24.21 -18.20 -8.03
C PHE B 189 25.45 -19.00 -8.45
N THR B 190 26.39 -18.37 -9.12
CA THR B 190 27.55 -19.11 -9.62
C THR B 190 28.67 -19.24 -8.60
N GLU B 191 28.43 -18.84 -7.35
CA GLU B 191 29.46 -18.93 -6.31
C GLU B 191 29.00 -19.78 -5.12
N CYS B 192 27.91 -20.51 -5.32
CA CYS B 192 27.46 -21.51 -4.36
C CYS B 192 27.13 -22.81 -5.11
N ASP B 193 26.72 -23.82 -4.37
CA ASP B 193 26.59 -25.18 -4.90
C ASP B 193 25.17 -25.58 -5.17
N ILE B 194 24.28 -24.62 -5.25
CA ILE B 194 22.86 -24.91 -5.46
C ILE B 194 22.69 -25.53 -6.84
N THR B 195 21.87 -26.57 -6.92
CA THR B 195 21.70 -27.28 -8.17
C THR B 195 20.46 -26.80 -8.91
N ILE B 196 20.49 -26.95 -10.22
CA ILE B 196 19.32 -26.68 -11.04
C ILE B 196 18.10 -27.47 -10.59
N GLN B 197 18.32 -28.71 -10.19
CA GLN B 197 17.25 -29.51 -9.62
C GLN B 197 16.69 -28.88 -8.32
N GLU B 198 17.57 -28.39 -7.45
CA GLU B 198 17.12 -27.69 -6.24
C GLU B 198 16.31 -26.42 -6.58
N ILE B 199 16.75 -25.70 -7.61
CA ILE B 199 16.07 -24.50 -8.07
C ILE B 199 14.63 -24.86 -8.46
N LYS B 200 14.48 -25.99 -9.12
CA LYS B 200 13.16 -26.44 -9.53
C LYS B 200 12.27 -26.81 -8.33
N ILE B 201 12.86 -27.48 -7.35
CA ILE B 201 12.14 -27.84 -6.13
C ILE B 201 11.73 -26.57 -5.36
N ILE B 202 12.67 -25.63 -5.21
CA ILE B 202 12.41 -24.35 -4.58
C ILE B 202 11.25 -23.65 -5.27
N ARG B 203 11.32 -23.62 -6.59
CA ARG B 203 10.30 -23.01 -7.41
C ARG B 203 8.93 -23.64 -7.15
N ASP B 204 8.88 -24.96 -7.07
CA ASP B 204 7.59 -25.62 -6.91
C ASP B 204 7.06 -25.46 -5.50
N THR B 205 7.96 -25.41 -4.53
CA THR B 205 7.60 -25.24 -3.13
C THR B 205 7.04 -23.82 -2.87
N LEU B 206 7.60 -22.82 -3.54
CA LEU B 206 7.12 -21.46 -3.39
C LEU B 206 5.68 -21.33 -3.91
N ILE B 207 5.44 -21.86 -5.11
CA ILE B 207 4.11 -21.91 -5.69
C ILE B 207 3.11 -22.57 -4.74
N ALA B 208 3.49 -23.69 -4.14
CA ALA B 208 2.64 -24.42 -3.22
C ALA B 208 2.40 -23.66 -1.93
N THR B 209 3.45 -23.14 -1.32
CA THR B 209 3.30 -22.41 -0.06
C THR B 209 2.50 -21.13 -0.27
N LEU B 210 2.74 -20.44 -1.37
CA LEU B 210 2.07 -19.17 -1.58
C LEU B 210 0.60 -19.38 -1.87
N ASN B 211 0.24 -20.56 -2.36
CA ASN B 211 -1.18 -20.77 -2.62
C ASN B 211 -1.93 -21.24 -1.36
N GLY B 212 -1.23 -21.83 -0.40
CA GLY B 212 -1.82 -22.00 0.91
C GLY B 212 -2.09 -20.67 1.60
N ILE B 213 -1.45 -19.62 1.10
CA ILE B 213 -1.48 -18.32 1.76
C ILE B 213 -2.48 -17.38 1.07
N TYR B 214 -2.64 -17.53 -0.24
CA TYR B 214 -3.56 -16.69 -1.01
C TYR B 214 -4.84 -17.45 -1.42
N HIS B 215 -4.87 -18.76 -1.14
CA HIS B 215 -6.06 -19.60 -1.33
C HIS B 215 -6.54 -19.65 -2.79
#